data_4UEC
#
_entry.id   4UEC
#
_cell.length_a   54.910
_cell.length_b   68.070
_cell.length_c   103.880
_cell.angle_alpha   90.00
_cell.angle_beta   90.00
_cell.angle_gamma   90.00
#
_symmetry.space_group_name_H-M   'P 21 21 21'
#
loop_
_entity.id
_entity.type
_entity.pdbx_description
1 polymer 'EUKARYOTIC TRANSLATION INITIATION FACTOR 4E'
2 polymer 'EUKARYOTIC TRANSLATION INITIATION FACTOR 4G, ISOFORM A'
3 non-polymer "7N-METHYL-8-HYDROGUANOSINE-5'-TRIPHOSPHATE"
4 water water
#
loop_
_entity_poly.entity_id
_entity_poly.type
_entity_poly.pdbx_seq_one_letter_code
_entity_poly.pdbx_strand_id
1 'polypeptide(L)'
;GPHMKHPLMNVWTLWYLENDRSKSWEDMQNEITSFDTVEDFWSLYNHIKPPSEIKLGSDYSLFKKNIRPMWEDAANKQGG
RWVITLNKSSKTDLDNLWLDVLLCLIGEAFDHSDQICGAVINIRGKSNKISIWTADGNNEEAALEIGHKLRDALRLGRNN
SLQYQLHKDTMVKQGSNVKSIYTL
;
A,C
2 'polypeptide(L)' GHMLEPETTLNDKQDSTDLKVKVSAKISSIINYNEGQWSPNNPSGKKQYDREQLLQLREVKASRIQPEVKNVSILPQP B
#
loop_
_chem_comp.id
_chem_comp.type
_chem_comp.name
_chem_comp.formula
MGT non-polymer 7N-METHYL-8-HYDROGUANOSINE-5'-TRIPHOSPHATE 'C11 H20 N5 O14 P3'
#
# COMPACT_ATOMS: atom_id res chain seq x y z
N PRO A 2 -12.20 17.64 -9.86
CA PRO A 2 -11.17 16.79 -10.47
C PRO A 2 -9.88 17.55 -10.76
N HIS A 3 -8.93 17.47 -9.84
CA HIS A 3 -7.66 18.20 -9.96
C HIS A 3 -6.63 17.39 -10.74
N MET A 4 -5.79 18.11 -11.51
CA MET A 4 -4.76 17.47 -12.31
C MET A 4 -3.62 16.95 -11.43
N LYS A 5 -3.23 15.70 -11.68
CA LYS A 5 -2.13 15.09 -10.96
C LYS A 5 -0.80 15.40 -11.65
N HIS A 6 0.28 15.37 -10.89
CA HIS A 6 1.61 15.65 -11.43
C HIS A 6 2.26 14.36 -11.93
N PRO A 7 2.48 14.24 -13.25
CA PRO A 7 3.01 12.98 -13.79
C PRO A 7 4.49 12.79 -13.54
N LEU A 8 4.89 11.53 -13.32
CA LEU A 8 6.29 11.19 -13.16
C LEU A 8 6.94 10.94 -14.51
N MET A 9 8.26 11.05 -14.57
CA MET A 9 8.99 10.80 -15.81
C MET A 9 8.88 9.34 -16.22
N ASN A 10 8.72 8.46 -15.23
CA ASN A 10 8.66 7.02 -15.48
C ASN A 10 7.52 6.35 -14.71
N VAL A 11 7.20 5.12 -15.12
CA VAL A 11 6.22 4.30 -14.43
C VAL A 11 6.96 3.33 -13.51
N TRP A 12 6.59 3.33 -12.24
CA TRP A 12 7.27 2.51 -11.23
C TRP A 12 6.35 1.43 -10.70
N THR A 13 6.94 0.32 -10.26
CA THR A 13 6.19 -0.80 -9.70
C THR A 13 6.74 -1.16 -8.32
N LEU A 14 5.83 -1.30 -7.35
CA LEU A 14 6.21 -1.71 -6.02
C LEU A 14 6.14 -3.23 -5.90
N TRP A 15 7.23 -3.83 -5.43
CA TRP A 15 7.29 -5.25 -5.17
C TRP A 15 7.46 -5.49 -3.67
N TYR A 16 6.87 -6.59 -3.19
CA TYR A 16 6.95 -6.95 -1.77
C TYR A 16 7.26 -8.44 -1.64
N LEU A 17 8.38 -8.74 -1.01
CA LEU A 17 8.85 -10.11 -0.83
C LEU A 17 8.66 -10.57 0.60
N GLU A 18 8.15 -11.78 0.77
CA GLU A 18 7.96 -12.37 2.09
C GLU A 18 8.67 -13.73 2.14
N ASN A 19 9.60 -13.86 3.07
CA ASN A 19 10.45 -15.05 3.13
C ASN A 19 9.66 -16.31 3.42
N ASP A 20 10.10 -17.42 2.85
CA ASP A 20 9.44 -18.71 3.03
C ASP A 20 10.40 -19.84 2.70
N ARG A 21 10.78 -20.61 3.71
CA ARG A 21 11.73 -21.71 3.54
C ARG A 21 11.27 -22.70 2.47
N SER A 22 9.96 -22.91 2.40
CA SER A 22 9.38 -23.89 1.49
C SER A 22 9.38 -23.41 0.05
N LYS A 23 9.41 -22.09 -0.14
CA LYS A 23 9.34 -21.50 -1.48
C LYS A 23 10.71 -21.10 -2.01
N SER A 24 10.78 -20.87 -3.31
CA SER A 24 11.99 -20.35 -3.95
C SER A 24 11.95 -18.83 -3.95
N TRP A 25 13.13 -18.21 -3.99
CA TRP A 25 13.26 -16.76 -3.88
C TRP A 25 12.42 -16.01 -4.91
N GLU A 26 12.29 -16.59 -6.11
CA GLU A 26 11.51 -15.96 -7.16
C GLU A 26 10.02 -15.98 -6.82
N ASP A 27 9.59 -17.00 -6.09
CA ASP A 27 8.19 -17.14 -5.72
C ASP A 27 7.83 -16.34 -4.48
N MET A 28 8.84 -15.86 -3.77
CA MET A 28 8.61 -15.02 -2.59
C MET A 28 8.16 -13.61 -3.01
N GLN A 29 8.56 -13.20 -4.21
CA GLN A 29 8.23 -11.87 -4.71
C GLN A 29 6.74 -11.73 -5.02
N ASN A 30 6.21 -10.55 -4.72
CA ASN A 30 4.82 -10.22 -5.06
C ASN A 30 4.74 -8.84 -5.70
N GLU A 31 4.16 -8.78 -6.90
CA GLU A 31 3.92 -7.51 -7.57
C GLU A 31 2.66 -6.88 -6.96
N ILE A 32 2.81 -5.66 -6.45
CA ILE A 32 1.73 -5.02 -5.70
C ILE A 32 0.90 -4.09 -6.58
N THR A 33 1.57 -3.12 -7.21
CA THR A 33 0.88 -2.12 -8.02
C THR A 33 1.88 -1.25 -8.77
N SER A 34 1.40 -0.53 -9.77
CA SER A 34 2.21 0.45 -10.49
C SER A 34 1.54 1.82 -10.42
N PHE A 35 2.34 2.86 -10.61
CA PHE A 35 1.84 4.24 -10.56
C PHE A 35 2.70 5.14 -11.43
N ASP A 36 2.20 6.32 -11.77
CA ASP A 36 2.93 7.26 -12.61
C ASP A 36 2.59 8.72 -12.32
N THR A 37 2.12 8.98 -11.10
CA THR A 37 1.89 10.35 -10.63
C THR A 37 2.32 10.46 -9.18
N VAL A 38 2.64 11.68 -8.75
CA VAL A 38 3.09 11.91 -7.39
C VAL A 38 1.97 11.60 -6.39
N GLU A 39 0.74 11.94 -6.78
CA GLU A 39 -0.41 11.74 -5.89
C GLU A 39 -0.69 10.24 -5.68
N ASP A 40 -0.59 9.46 -6.75
CA ASP A 40 -0.83 8.03 -6.66
C ASP A 40 0.31 7.32 -5.90
N PHE A 41 1.49 7.92 -5.90
CA PHE A 41 2.59 7.39 -5.10
C PHE A 41 2.28 7.50 -3.61
N TRP A 42 1.90 8.71 -3.19
CA TRP A 42 1.59 8.96 -1.78
C TRP A 42 0.39 8.14 -1.32
N SER A 43 -0.60 8.00 -2.20
CA SER A 43 -1.78 7.19 -1.90
C SER A 43 -1.37 5.76 -1.57
N LEU A 44 -0.43 5.24 -2.34
CA LEU A 44 0.13 3.91 -2.08
C LEU A 44 0.95 3.90 -0.78
N TYR A 45 1.87 4.86 -0.67
CA TYR A 45 2.77 4.92 0.47
C TYR A 45 2.01 5.14 1.77
N ASN A 46 0.89 5.84 1.69
CA ASN A 46 0.10 6.17 2.88
C ASN A 46 -0.57 4.95 3.52
N HIS A 47 -0.82 3.90 2.74
CA HIS A 47 -1.57 2.76 3.22
C HIS A 47 -0.73 1.49 3.40
N ILE A 48 0.54 1.52 2.99
CA ILE A 48 1.42 0.37 3.18
C ILE A 48 2.28 0.53 4.44
N LYS A 49 2.59 -0.59 5.08
CA LYS A 49 3.48 -0.60 6.23
C LYS A 49 4.83 0.00 5.87
N PRO A 50 5.37 0.88 6.72
CA PRO A 50 6.76 1.30 6.45
C PRO A 50 7.71 0.14 6.67
N PRO A 51 8.95 0.24 6.18
CA PRO A 51 9.93 -0.85 6.31
C PRO A 51 10.14 -1.29 7.75
N SER A 52 9.93 -0.38 8.70
CA SER A 52 10.18 -0.68 10.10
C SER A 52 9.12 -1.59 10.72
N GLU A 53 8.07 -1.90 9.96
CA GLU A 53 6.95 -2.69 10.47
C GLU A 53 6.74 -4.00 9.71
N ILE A 54 7.37 -4.15 8.55
CA ILE A 54 7.19 -5.38 7.78
C ILE A 54 7.98 -6.52 8.41
N LYS A 55 7.52 -7.75 8.20
CA LYS A 55 8.09 -8.91 8.88
C LYS A 55 9.56 -9.11 8.56
N LEU A 56 10.26 -9.73 9.51
CA LEU A 56 11.67 -10.06 9.34
C LEU A 56 11.88 -10.96 8.12
N GLY A 57 12.78 -10.54 7.24
CA GLY A 57 13.11 -11.31 6.05
C GLY A 57 12.38 -10.83 4.80
N SER A 58 11.62 -9.74 4.95
CA SER A 58 10.88 -9.18 3.83
C SER A 58 11.70 -8.14 3.07
N ASP A 59 11.32 -7.90 1.81
CA ASP A 59 11.90 -6.83 1.02
C ASP A 59 10.80 -5.93 0.45
N TYR A 60 11.11 -4.64 0.33
CA TYR A 60 10.36 -3.74 -0.54
C TYR A 60 11.26 -3.39 -1.71
N SER A 61 10.69 -3.34 -2.91
CA SER A 61 11.43 -2.93 -4.09
C SER A 61 10.61 -1.98 -4.95
N LEU A 62 11.21 -0.87 -5.35
CA LEU A 62 10.63 0.01 -6.35
C LEU A 62 11.49 -0.01 -7.60
N PHE A 63 10.92 -0.52 -8.69
CA PHE A 63 11.60 -0.61 -9.97
C PHE A 63 10.74 -0.03 -11.08
N LYS A 64 11.39 0.48 -12.12
CA LYS A 64 10.67 0.97 -13.29
C LYS A 64 9.85 -0.17 -13.90
N LYS A 65 8.75 0.18 -14.56
CA LYS A 65 7.85 -0.81 -15.14
C LYS A 65 8.61 -1.78 -16.06
N ASN A 66 8.22 -3.05 -15.99
CA ASN A 66 8.77 -4.12 -16.83
C ASN A 66 10.19 -4.54 -16.46
N ILE A 67 10.72 -3.99 -15.37
CA ILE A 67 11.99 -4.45 -14.81
C ILE A 67 11.75 -5.16 -13.49
N ARG A 68 11.84 -6.48 -13.50
CA ARG A 68 11.71 -7.26 -12.27
C ARG A 68 12.95 -7.07 -11.41
N PRO A 69 12.78 -7.04 -10.07
CA PRO A 69 13.92 -6.82 -9.18
C PRO A 69 14.81 -8.06 -9.08
N MET A 70 15.38 -8.47 -10.22
CA MET A 70 16.20 -9.68 -10.28
C MET A 70 17.45 -9.45 -11.12
N TRP A 71 18.52 -10.17 -10.78
CA TRP A 71 19.73 -10.17 -11.60
C TRP A 71 19.38 -10.69 -13.00
N GLU A 72 18.48 -11.66 -13.02
CA GLU A 72 18.12 -12.36 -14.26
C GLU A 72 17.44 -11.44 -15.26
N ASP A 73 16.86 -10.35 -14.77
CA ASP A 73 16.18 -9.40 -15.65
C ASP A 73 17.19 -8.77 -16.60
N ALA A 74 16.78 -8.62 -17.85
CA ALA A 74 17.66 -8.10 -18.91
C ALA A 74 18.23 -6.74 -18.55
N ALA A 75 17.43 -5.93 -17.86
CA ALA A 75 17.84 -4.57 -17.51
C ALA A 75 18.96 -4.56 -16.47
N ASN A 76 19.08 -5.64 -15.71
CA ASN A 76 20.02 -5.70 -14.59
C ASN A 76 21.20 -6.64 -14.82
N LYS A 77 21.19 -7.34 -15.95
CA LYS A 77 22.19 -8.38 -16.22
C LYS A 77 23.62 -7.84 -16.13
N GLN A 78 23.87 -6.71 -16.80
CA GLN A 78 25.19 -6.10 -16.80
C GLN A 78 25.32 -5.04 -15.72
N GLY A 79 24.31 -4.95 -14.85
CA GLY A 79 24.24 -3.89 -13.86
C GLY A 79 24.88 -4.22 -12.53
N GLY A 80 24.64 -3.35 -11.56
CA GLY A 80 25.14 -3.51 -10.21
C GLY A 80 24.21 -2.84 -9.22
N ARG A 81 24.71 -2.56 -8.03
CA ARG A 81 23.89 -1.91 -7.00
C ARG A 81 24.73 -1.16 -5.97
N TRP A 82 24.32 0.07 -5.69
CA TRP A 82 24.88 0.85 -4.59
C TRP A 82 24.26 0.42 -3.27
N VAL A 83 25.00 -0.35 -2.48
CA VAL A 83 24.48 -0.91 -1.24
C VAL A 83 24.76 -0.02 -0.03
N ILE A 84 23.72 0.23 0.77
CA ILE A 84 23.85 0.95 2.03
C ILE A 84 23.50 0.03 3.19
N THR A 85 24.52 -0.37 3.96
CA THR A 85 24.30 -1.23 5.11
C THR A 85 24.05 -0.36 6.35
N LEU A 86 23.04 -0.73 7.13
CA LEU A 86 22.64 0.04 8.30
C LEU A 86 22.61 -0.83 9.55
N ASN A 87 23.44 -0.46 10.53
CA ASN A 87 23.41 -1.13 11.82
C ASN A 87 22.09 -0.90 12.52
N LYS A 88 21.82 -1.67 13.57
CA LYS A 88 20.59 -1.52 14.34
C LYS A 88 20.43 -0.08 14.80
N SER A 89 19.52 0.63 14.15
CA SER A 89 19.31 2.05 14.41
C SER A 89 17.82 2.35 14.59
N SER A 90 17.48 3.63 14.65
CA SER A 90 16.11 4.05 14.84
C SER A 90 15.22 3.57 13.70
N LYS A 91 13.96 3.27 14.01
CA LYS A 91 12.97 2.90 13.00
C LYS A 91 12.65 4.11 12.15
N THR A 92 12.54 5.27 12.81
CA THR A 92 12.28 6.54 12.15
C THR A 92 13.36 6.86 11.13
N ASP A 93 14.61 6.60 11.50
CA ASP A 93 15.74 6.85 10.61
C ASP A 93 15.71 5.94 9.40
N LEU A 94 15.30 4.69 9.61
CA LEU A 94 15.22 3.71 8.54
C LEU A 94 14.12 4.07 7.54
N ASP A 95 12.93 4.34 8.04
CA ASP A 95 11.80 4.69 7.20
C ASP A 95 12.05 5.98 6.44
N ASN A 96 12.67 6.96 7.10
CA ASN A 96 13.00 8.22 6.46
C ASN A 96 14.05 8.06 5.36
N LEU A 97 14.99 7.14 5.57
CA LEU A 97 16.03 6.89 4.60
C LEU A 97 15.46 6.17 3.37
N TRP A 98 14.57 5.21 3.62
CA TRP A 98 13.92 4.48 2.54
C TRP A 98 13.00 5.40 1.73
N LEU A 99 12.25 6.25 2.41
CA LEU A 99 11.38 7.21 1.74
C LEU A 99 12.19 8.16 0.86
N ASP A 100 13.30 8.66 1.39
CA ASP A 100 14.15 9.57 0.64
C ASP A 100 14.68 8.94 -0.63
N VAL A 101 15.01 7.65 -0.56
CA VAL A 101 15.40 6.91 -1.75
C VAL A 101 14.26 6.88 -2.75
N LEU A 102 13.05 6.58 -2.28
CA LEU A 102 11.89 6.53 -3.16
C LEU A 102 11.65 7.88 -3.83
N LEU A 103 11.87 8.96 -3.09
CA LEU A 103 11.63 10.30 -3.63
C LEU A 103 12.71 10.69 -4.64
N CYS A 104 13.93 10.22 -4.42
CA CYS A 104 15.01 10.45 -5.38
C CYS A 104 14.68 9.78 -6.71
N LEU A 105 14.16 8.56 -6.62
CA LEU A 105 13.84 7.78 -7.82
C LEU A 105 12.69 8.41 -8.61
N ILE A 106 11.55 8.59 -7.97
CA ILE A 106 10.36 9.07 -8.68
C ILE A 106 10.54 10.53 -9.09
N GLY A 107 11.39 11.24 -8.37
CA GLY A 107 11.69 12.63 -8.68
C GLY A 107 12.77 12.79 -9.74
N GLU A 108 13.41 11.69 -10.11
CA GLU A 108 14.50 11.71 -11.09
C GLU A 108 15.63 12.63 -10.63
N ALA A 109 16.13 12.38 -9.43
CA ALA A 109 17.16 13.21 -8.83
C ALA A 109 18.49 13.07 -9.58
N PHE A 110 18.72 11.90 -10.15
CA PHE A 110 19.99 11.58 -10.78
C PHE A 110 20.03 12.04 -12.23
N ASP A 111 21.19 12.55 -12.64
CA ASP A 111 21.38 13.01 -14.01
C ASP A 111 21.19 11.87 -15.00
N HIS A 112 21.79 10.73 -14.69
CA HIS A 112 21.65 9.54 -15.52
C HIS A 112 20.39 8.77 -15.13
N SER A 113 19.23 9.37 -15.38
CA SER A 113 17.96 8.73 -15.06
C SER A 113 17.81 7.40 -15.81
N ASP A 114 18.27 7.39 -17.06
CA ASP A 114 18.21 6.18 -17.89
C ASP A 114 19.10 5.06 -17.32
N GLN A 115 19.92 5.39 -16.33
CA GLN A 115 20.83 4.43 -15.72
C GLN A 115 20.22 3.76 -14.49
N ILE A 116 19.13 4.34 -13.97
CA ILE A 116 18.48 3.83 -12.77
C ILE A 116 17.47 2.73 -13.08
N CYS A 117 17.60 1.61 -12.40
CA CYS A 117 16.66 0.50 -12.55
C CYS A 117 15.65 0.49 -11.40
N GLY A 118 16.14 0.64 -10.18
CA GLY A 118 15.29 0.66 -9.01
C GLY A 118 16.05 0.64 -7.71
N ALA A 119 15.34 0.40 -6.62
CA ALA A 119 15.94 0.31 -5.29
C ALA A 119 15.30 -0.82 -4.50
N VAL A 120 16.08 -1.43 -3.63
CA VAL A 120 15.61 -2.54 -2.79
C VAL A 120 16.02 -2.31 -1.34
N ILE A 121 15.06 -2.46 -0.43
CA ILE A 121 15.37 -2.46 1.00
C ILE A 121 15.14 -3.87 1.55
N ASN A 122 16.14 -4.37 2.28
CA ASN A 122 16.06 -5.68 2.92
C ASN A 122 15.96 -5.52 4.43
N ILE A 123 14.95 -6.15 5.04
CA ILE A 123 14.81 -6.18 6.49
C ILE A 123 15.31 -7.53 7.01
N ARG A 124 16.39 -7.51 7.80
CA ARG A 124 17.03 -8.74 8.25
C ARG A 124 17.33 -8.74 9.75
N GLY A 125 16.83 -7.72 10.45
CA GLY A 125 17.00 -7.65 11.90
C GLY A 125 18.40 -7.30 12.32
N LYS A 126 19.35 -8.19 12.06
CA LYS A 126 20.76 -7.93 12.35
C LYS A 126 21.20 -6.65 11.67
N SER A 127 21.03 -6.60 10.35
CA SER A 127 21.39 -5.43 9.58
C SER A 127 20.44 -5.24 8.40
N ASN A 128 19.85 -4.06 8.32
CA ASN A 128 19.01 -3.69 7.19
C ASN A 128 19.88 -3.13 6.07
N LYS A 129 19.55 -3.49 4.83
CA LYS A 129 20.29 -3.03 3.67
C LYS A 129 19.37 -2.32 2.68
N ILE A 130 19.80 -1.14 2.24
CA ILE A 130 19.10 -0.39 1.21
C ILE A 130 20.02 -0.28 -0.01
N SER A 131 19.54 -0.79 -1.14
CA SER A 131 20.34 -0.85 -2.36
C SER A 131 19.64 -0.12 -3.49
N ILE A 132 20.43 0.50 -4.38
CA ILE A 132 19.90 1.16 -5.57
C ILE A 132 20.52 0.51 -6.80
N TRP A 133 19.68 -0.20 -7.55
CA TRP A 133 20.16 -0.98 -8.69
C TRP A 133 20.41 -0.12 -9.92
N THR A 134 21.57 -0.34 -10.54
CA THR A 134 22.05 0.44 -11.67
C THR A 134 22.14 -0.45 -12.91
N ALA A 135 22.03 0.17 -14.09
CA ALA A 135 21.92 -0.58 -15.34
C ALA A 135 23.26 -1.12 -15.84
N ASP A 136 24.31 -0.29 -15.81
CA ASP A 136 25.61 -0.66 -16.35
C ASP A 136 26.70 -0.54 -15.28
N GLY A 137 27.09 -1.69 -14.72
CA GLY A 137 28.11 -1.71 -13.68
C GLY A 137 29.52 -1.52 -14.20
N ASN A 138 29.71 -1.71 -15.51
CA ASN A 138 31.02 -1.59 -16.11
C ASN A 138 31.40 -0.14 -16.42
N ASN A 139 30.42 0.76 -16.30
CA ASN A 139 30.64 2.18 -16.50
C ASN A 139 30.82 2.89 -15.16
N GLU A 140 32.09 3.06 -14.77
CA GLU A 140 32.41 3.67 -13.48
C GLU A 140 31.92 5.11 -13.39
N GLU A 141 31.84 5.78 -14.54
CA GLU A 141 31.40 7.18 -14.59
C GLU A 141 29.98 7.33 -14.05
N ALA A 142 29.05 6.55 -14.59
CA ALA A 142 27.65 6.65 -14.18
C ALA A 142 27.47 6.16 -12.75
N ALA A 143 28.15 5.08 -12.40
CA ALA A 143 28.06 4.51 -11.07
C ALA A 143 28.48 5.53 -10.01
N LEU A 144 29.58 6.23 -10.26
CA LEU A 144 30.10 7.20 -9.30
C LEU A 144 29.25 8.47 -9.22
N GLU A 145 28.69 8.87 -10.36
CA GLU A 145 27.80 10.03 -10.38
C GLU A 145 26.60 9.77 -9.48
N ILE A 146 26.06 8.57 -9.58
CA ILE A 146 24.93 8.15 -8.76
C ILE A 146 25.36 8.02 -7.30
N GLY A 147 26.62 7.65 -7.09
CA GLY A 147 27.17 7.50 -5.76
C GLY A 147 27.22 8.81 -5.00
N HIS A 148 27.73 9.85 -5.65
CA HIS A 148 27.85 11.17 -5.02
C HIS A 148 26.48 11.79 -4.76
N LYS A 149 25.60 11.72 -5.75
CA LYS A 149 24.23 12.21 -5.58
C LYS A 149 23.56 11.46 -4.44
N LEU A 150 23.93 10.20 -4.26
CA LEU A 150 23.35 9.37 -3.21
C LEU A 150 23.89 9.79 -1.85
N ARG A 151 25.19 10.08 -1.76
CA ARG A 151 25.78 10.54 -0.52
C ARG A 151 25.20 11.88 -0.09
N ASP A 152 24.99 12.76 -1.05
CA ASP A 152 24.50 14.11 -0.78
C ASP A 152 23.00 14.12 -0.44
N ALA A 153 22.19 13.60 -1.36
CA ALA A 153 20.74 13.63 -1.21
C ALA A 153 20.28 12.98 0.08
N LEU A 154 20.75 11.76 0.34
CA LEU A 154 20.39 11.05 1.55
C LEU A 154 21.08 11.62 2.78
N ARG A 155 21.99 12.56 2.56
CA ARG A 155 22.77 13.15 3.64
C ARG A 155 23.46 12.06 4.45
N LEU A 156 24.05 11.09 3.74
CA LEU A 156 24.64 9.93 4.37
C LEU A 156 25.81 10.31 5.26
N GLY A 157 25.80 9.80 6.48
CA GLY A 157 26.85 10.11 7.44
C GLY A 157 28.16 9.47 7.05
N ARG A 158 29.26 10.07 7.50
CA ARG A 158 30.58 9.47 7.31
C ARG A 158 30.63 8.14 8.05
N ASN A 159 31.47 7.23 7.57
CA ASN A 159 31.55 5.88 8.14
C ASN A 159 30.18 5.19 8.11
N ASN A 160 29.36 5.56 7.13
CA ASN A 160 28.21 4.77 6.71
C ASN A 160 28.58 4.06 5.42
N SER A 161 28.54 2.73 5.44
CA SER A 161 29.04 1.94 4.32
C SER A 161 28.21 2.13 3.07
N LEU A 162 28.78 2.85 2.10
CA LEU A 162 28.21 2.94 0.76
C LEU A 162 29.13 2.26 -0.25
N GLN A 163 28.75 1.05 -0.65
CA GLN A 163 29.58 0.20 -1.49
C GLN A 163 28.82 -0.27 -2.73
N TYR A 164 29.54 -0.36 -3.85
CA TYR A 164 28.96 -0.81 -5.11
C TYR A 164 29.35 -2.27 -5.38
N GLN A 165 28.44 -3.03 -5.97
CA GLN A 165 28.70 -4.42 -6.32
C GLN A 165 28.10 -4.76 -7.67
N LEU A 166 28.88 -5.44 -8.51
CA LEU A 166 28.36 -5.98 -9.76
C LEU A 166 27.49 -7.18 -9.45
N HIS A 167 26.36 -7.29 -10.16
CA HIS A 167 25.44 -8.40 -9.92
C HIS A 167 26.10 -9.73 -10.22
N LYS A 168 26.99 -9.75 -11.21
CA LYS A 168 27.73 -10.96 -11.56
C LYS A 168 28.53 -11.48 -10.37
N ASP A 169 29.13 -10.55 -9.62
CA ASP A 169 29.93 -10.91 -8.45
C ASP A 169 29.04 -11.34 -7.29
N THR A 170 27.88 -10.72 -7.17
CA THR A 170 26.98 -10.98 -6.05
C THR A 170 26.39 -12.40 -6.12
N MET A 171 26.28 -12.94 -7.32
CA MET A 171 25.76 -14.29 -7.52
C MET A 171 26.65 -15.35 -6.86
N VAL A 172 27.92 -15.02 -6.67
CA VAL A 172 28.86 -15.94 -6.04
C VAL A 172 28.56 -16.09 -4.55
N ILE B 30 -0.34 25.18 -6.42
CA ILE B 30 -0.22 24.84 -5.01
C ILE B 30 1.22 24.94 -4.53
N ILE B 31 2.16 24.80 -5.47
CA ILE B 31 3.59 24.83 -5.15
C ILE B 31 4.37 25.66 -6.17
N ASN B 32 5.57 26.08 -5.79
CA ASN B 32 6.43 26.85 -6.69
C ASN B 32 7.10 25.95 -7.72
N TYR B 33 6.90 26.27 -8.99
CA TYR B 33 7.46 25.49 -10.08
C TYR B 33 8.68 26.16 -10.69
N ASN B 34 9.64 25.35 -11.12
CA ASN B 34 10.83 25.85 -11.79
C ASN B 34 10.56 26.07 -13.28
N GLU B 35 11.45 26.81 -13.94
CA GLU B 35 11.26 27.19 -15.34
C GLU B 35 11.15 25.98 -16.26
N GLY B 36 12.14 25.09 -16.21
CA GLY B 36 12.19 23.93 -17.08
C GLY B 36 11.42 22.74 -16.54
N GLN B 37 10.69 22.95 -15.44
CA GLN B 37 9.96 21.88 -14.78
C GLN B 37 8.53 21.75 -15.31
N TRP B 38 7.98 20.54 -15.24
CA TRP B 38 6.63 20.27 -15.70
C TRP B 38 5.60 20.98 -14.83
N SER B 39 4.52 21.45 -15.46
CA SER B 39 3.40 22.06 -14.75
C SER B 39 2.16 22.00 -15.64
N PRO B 40 0.97 22.26 -15.08
CA PRO B 40 -0.23 22.32 -15.92
C PRO B 40 -0.09 23.34 -17.04
N ASN B 41 0.35 24.54 -16.70
CA ASN B 41 0.76 25.54 -17.70
C ASN B 41 2.24 25.34 -18.02
N ASN B 42 2.59 25.48 -19.30
CA ASN B 42 3.91 25.07 -19.76
C ASN B 42 4.14 23.58 -19.52
N PRO B 43 3.27 22.74 -20.13
CA PRO B 43 3.26 21.29 -19.91
C PRO B 43 4.35 20.55 -20.68
N SER B 44 5.29 21.28 -21.26
CA SER B 44 6.41 20.67 -21.98
C SER B 44 7.61 20.50 -21.06
N GLY B 45 7.47 20.93 -19.81
CA GLY B 45 8.57 20.88 -18.85
C GLY B 45 9.02 19.48 -18.50
N LYS B 46 10.19 19.38 -17.88
CA LYS B 46 10.75 18.09 -17.49
C LYS B 46 10.07 17.59 -16.22
N LYS B 47 9.70 16.31 -16.23
CA LYS B 47 9.03 15.70 -15.09
C LYS B 47 10.04 15.34 -14.00
N GLN B 48 10.54 16.37 -13.32
CA GLN B 48 11.54 16.22 -12.27
C GLN B 48 11.08 16.99 -11.03
N TYR B 49 11.28 16.41 -9.85
CA TYR B 49 10.77 17.01 -8.61
C TYR B 49 11.76 16.90 -7.46
N ASP B 50 11.91 18.00 -6.71
CA ASP B 50 12.73 18.01 -5.50
C ASP B 50 12.09 17.16 -4.41
N ARG B 51 12.80 16.99 -3.30
CA ARG B 51 12.24 16.33 -2.14
C ARG B 51 11.09 17.17 -1.59
N GLU B 52 11.35 18.46 -1.40
CA GLU B 52 10.38 19.36 -0.79
C GLU B 52 9.13 19.50 -1.65
N GLN B 53 9.31 19.55 -2.97
CA GLN B 53 8.19 19.65 -3.90
C GLN B 53 7.32 18.40 -3.81
N LEU B 54 7.95 17.23 -3.80
CA LEU B 54 7.23 15.97 -3.68
C LEU B 54 6.48 15.88 -2.36
N LEU B 55 7.01 16.54 -1.33
CA LEU B 55 6.39 16.55 -0.01
C LEU B 55 5.19 17.49 0.05
N GLN B 56 5.24 18.57 -0.73
CA GLN B 56 4.14 19.52 -0.78
C GLN B 56 2.87 18.90 -1.37
N LEU B 57 3.05 17.90 -2.22
CA LEU B 57 1.94 17.35 -3.00
C LEU B 57 1.14 16.26 -2.28
N ARG B 58 1.71 15.70 -1.21
CA ARG B 58 1.00 14.72 -0.40
C ARG B 58 -0.08 15.39 0.43
N GLU B 59 0.20 16.62 0.85
CA GLU B 59 -0.53 17.29 1.92
C GLU B 59 -1.96 17.67 1.56
N VAL B 60 -2.29 17.64 0.27
CA VAL B 60 -3.59 18.11 -0.17
C VAL B 60 -4.73 17.18 0.29
N LYS B 61 -4.41 15.91 0.48
CA LYS B 61 -5.41 14.93 0.88
C LYS B 61 -5.64 14.89 2.39
N ALA B 62 -4.54 14.90 3.15
CA ALA B 62 -4.61 14.80 4.61
C ALA B 62 -5.29 16.01 5.23
N SER B 63 -4.95 17.19 4.74
CA SER B 63 -5.44 18.45 5.31
C SER B 63 -6.94 18.62 5.19
N ARG B 64 -7.50 18.16 4.06
CA ARG B 64 -8.88 18.44 3.71
C ARG B 64 -9.87 17.49 4.39
N ILE B 65 -11.10 17.98 4.58
CA ILE B 65 -12.22 17.13 4.97
C ILE B 65 -12.83 16.56 3.68
N PRO C 2 6.36 -23.19 -8.02
CA PRO C 2 5.63 -24.44 -8.26
C PRO C 2 4.55 -24.71 -7.21
N HIS C 3 4.47 -23.85 -6.20
CA HIS C 3 3.48 -24.01 -5.14
C HIS C 3 2.08 -23.64 -5.65
N MET C 4 1.09 -24.41 -5.21
CA MET C 4 -0.29 -24.16 -5.57
C MET C 4 -1.00 -23.36 -4.48
N LYS C 5 -1.76 -22.36 -4.90
CA LYS C 5 -2.50 -21.51 -3.98
C LYS C 5 -3.91 -22.06 -3.76
N HIS C 6 -4.51 -21.67 -2.63
CA HIS C 6 -5.82 -22.17 -2.25
C HIS C 6 -6.90 -21.13 -2.56
N PRO C 7 -7.68 -21.35 -3.63
CA PRO C 7 -8.62 -20.32 -4.09
C PRO C 7 -9.76 -20.05 -3.10
N LEU C 8 -10.29 -18.83 -3.16
CA LEU C 8 -11.44 -18.44 -2.37
C LEU C 8 -12.71 -18.63 -3.18
N MET C 9 -13.84 -18.84 -2.51
CA MET C 9 -15.10 -19.04 -3.21
C MET C 9 -15.45 -17.80 -4.02
N ASN C 10 -15.14 -16.64 -3.46
CA ASN C 10 -15.39 -15.37 -4.12
C ASN C 10 -14.11 -14.59 -4.35
N VAL C 11 -14.14 -13.70 -5.35
CA VAL C 11 -13.08 -12.75 -5.58
C VAL C 11 -13.41 -11.49 -4.77
N TRP C 12 -12.38 -10.88 -4.20
CA TRP C 12 -12.55 -9.73 -3.31
C TRP C 12 -11.66 -8.59 -3.73
N THR C 13 -12.11 -7.36 -3.44
CA THR C 13 -11.33 -6.17 -3.69
C THR C 13 -11.23 -5.34 -2.41
N LEU C 14 -10.03 -4.85 -2.13
CA LEU C 14 -9.82 -3.97 -0.98
C LEU C 14 -9.80 -2.52 -1.46
N TRP C 15 -10.62 -1.69 -0.83
CA TRP C 15 -10.66 -0.26 -1.13
C TRP C 15 -10.09 0.53 0.04
N TYR C 16 -9.43 1.64 -0.28
CA TYR C 16 -8.87 2.54 0.73
C TYR C 16 -9.28 3.98 0.47
N LEU C 17 -10.06 4.52 1.39
CA LEU C 17 -10.57 5.89 1.27
C LEU C 17 -9.74 6.86 2.09
N GLU C 18 -9.24 7.90 1.42
CA GLU C 18 -8.58 9.00 2.07
C GLU C 18 -9.49 10.21 1.93
N ASN C 19 -9.82 10.82 3.06
CA ASN C 19 -10.80 11.88 3.10
C ASN C 19 -10.24 13.20 2.55
N ASP C 20 -10.80 13.67 1.44
CA ASP C 20 -10.32 14.87 0.77
C ASP C 20 -11.52 15.69 0.30
N ARG C 21 -11.68 16.88 0.88
CA ARG C 21 -12.84 17.71 0.61
C ARG C 21 -12.90 18.05 -0.87
N SER C 22 -11.73 18.25 -1.46
CA SER C 22 -11.64 18.70 -2.84
C SER C 22 -12.26 17.69 -3.80
N LYS C 23 -12.46 16.47 -3.31
CA LYS C 23 -13.03 15.40 -4.12
C LYS C 23 -14.45 15.05 -3.68
N SER C 24 -15.24 14.53 -4.62
CA SER C 24 -16.50 13.91 -4.28
C SER C 24 -16.18 12.64 -3.49
N TRP C 25 -17.14 12.18 -2.70
CA TRP C 25 -16.90 11.04 -1.82
C TRP C 25 -16.53 9.77 -2.60
N GLU C 26 -17.07 9.64 -3.80
CA GLU C 26 -16.75 8.49 -4.65
C GLU C 26 -15.29 8.51 -5.09
N ASP C 27 -14.78 9.70 -5.39
CA ASP C 27 -13.39 9.85 -5.83
C ASP C 27 -12.40 9.70 -4.67
N MET C 28 -12.89 9.78 -3.43
CA MET C 28 -12.03 9.57 -2.27
C MET C 28 -11.58 8.13 -2.19
N GLN C 29 -12.32 7.23 -2.85
CA GLN C 29 -12.02 5.80 -2.81
C GLN C 29 -10.87 5.44 -3.76
N ASN C 30 -9.98 4.57 -3.28
CA ASN C 30 -8.90 4.02 -4.11
C ASN C 30 -8.92 2.50 -4.06
N GLU C 31 -8.99 1.87 -5.22
CA GLU C 31 -8.84 0.42 -5.30
C GLU C 31 -7.38 0.06 -5.06
N ILE C 32 -7.12 -0.80 -4.08
CA ILE C 32 -5.77 -1.25 -3.80
C ILE C 32 -5.42 -2.45 -4.69
N THR C 33 -6.10 -3.57 -4.47
CA THR C 33 -5.90 -4.76 -5.27
C THR C 33 -7.09 -5.71 -5.15
N SER C 34 -7.12 -6.71 -6.02
CA SER C 34 -8.12 -7.77 -5.95
C SER C 34 -7.42 -9.11 -5.79
N PHE C 35 -8.05 -10.01 -5.05
CA PHE C 35 -7.45 -11.32 -4.76
C PHE C 35 -8.52 -12.40 -4.76
N ASP C 36 -8.10 -13.64 -5.03
CA ASP C 36 -9.00 -14.78 -5.07
C ASP C 36 -8.39 -16.04 -4.46
N THR C 37 -7.30 -15.88 -3.71
CA THR C 37 -6.70 -16.97 -2.97
C THR C 37 -6.37 -16.56 -1.54
N VAL C 38 -6.16 -17.55 -0.67
CA VAL C 38 -5.79 -17.31 0.71
C VAL C 38 -4.40 -16.66 0.78
N GLU C 39 -3.49 -17.12 -0.08
CA GLU C 39 -2.12 -16.61 -0.08
C GLU C 39 -2.07 -15.16 -0.52
N ASP C 40 -2.91 -14.78 -1.47
CA ASP C 40 -2.92 -13.42 -1.98
C ASP C 40 -3.59 -12.46 -0.99
N PHE C 41 -4.45 -13.00 -0.14
CA PHE C 41 -5.02 -12.20 0.94
C PHE C 41 -3.94 -11.83 1.96
N TRP C 42 -3.19 -12.84 2.40
CA TRP C 42 -2.16 -12.64 3.41
C TRP C 42 -0.97 -11.87 2.85
N SER C 43 -0.69 -12.07 1.56
CA SER C 43 0.31 -11.29 0.86
C SER C 43 -0.06 -9.80 0.87
N LEU C 44 -1.36 -9.52 0.82
CA LEU C 44 -1.86 -8.16 0.84
C LEU C 44 -1.89 -7.61 2.27
N TYR C 45 -2.58 -8.33 3.14
CA TYR C 45 -2.78 -7.90 4.52
C TYR C 45 -1.46 -7.66 5.28
N ASN C 46 -0.43 -8.41 4.93
CA ASN C 46 0.83 -8.35 5.68
C ASN C 46 1.68 -7.10 5.41
N HIS C 47 1.43 -6.43 4.28
CA HIS C 47 2.23 -5.25 3.91
C HIS C 47 1.44 -3.94 3.98
N ILE C 48 0.13 -4.02 4.24
CA ILE C 48 -0.67 -2.80 4.39
C ILE C 48 -0.79 -2.42 5.87
N LYS C 49 -0.88 -1.12 6.12
CA LYS C 49 -1.07 -0.62 7.47
C LYS C 49 -2.35 -1.18 8.07
N PRO C 50 -2.28 -1.70 9.31
CA PRO C 50 -3.54 -2.12 9.93
C PRO C 50 -4.43 -0.91 10.21
N PRO C 51 -5.71 -1.15 10.55
CA PRO C 51 -6.65 -0.04 10.80
C PRO C 51 -6.16 0.93 11.89
N SER C 52 -5.37 0.44 12.82
CA SER C 52 -4.91 1.26 13.94
C SER C 52 -3.79 2.22 13.55
N GLU C 53 -3.37 2.16 12.29
CA GLU C 53 -2.22 2.95 11.83
C GLU C 53 -2.56 3.88 10.66
N ILE C 54 -3.78 3.82 10.15
CA ILE C 54 -4.16 4.62 8.99
C ILE C 54 -4.66 6.01 9.41
N LYS C 55 -4.56 6.96 8.47
CA LYS C 55 -4.93 8.34 8.73
C LYS C 55 -6.34 8.46 9.30
N LEU C 56 -6.47 9.37 10.26
CA LEU C 56 -7.77 9.75 10.79
C LEU C 56 -8.71 10.11 9.65
N GLY C 57 -9.91 9.50 9.65
CA GLY C 57 -10.90 9.79 8.64
C GLY C 57 -10.78 8.92 7.39
N SER C 58 -10.00 7.85 7.48
CA SER C 58 -9.84 6.92 6.36
C SER C 58 -10.71 5.69 6.55
N ASP C 59 -11.02 5.01 5.44
CA ASP C 59 -11.76 3.75 5.48
C ASP C 59 -10.97 2.63 4.83
N TYR C 60 -11.12 1.42 5.35
CA TYR C 60 -10.79 0.21 4.62
C TYR C 60 -12.10 -0.48 4.28
N SER C 61 -12.27 -0.84 3.01
CA SER C 61 -13.48 -1.54 2.59
C SER C 61 -13.15 -2.77 1.74
N LEU C 62 -13.54 -3.94 2.23
CA LEU C 62 -13.42 -5.17 1.46
C LEU C 62 -14.78 -5.55 0.90
N PHE C 63 -14.86 -5.62 -0.43
CA PHE C 63 -16.10 -5.95 -1.12
C PHE C 63 -15.86 -6.94 -2.23
N LYS C 64 -16.90 -7.71 -2.58
CA LYS C 64 -16.83 -8.64 -3.68
C LYS C 64 -16.42 -7.88 -4.93
N LYS C 65 -15.75 -8.57 -5.86
CA LYS C 65 -15.32 -7.94 -7.10
C LYS C 65 -16.51 -7.29 -7.82
N ASN C 66 -16.30 -6.06 -8.29
CA ASN C 66 -17.26 -5.29 -9.08
C ASN C 66 -18.42 -4.70 -8.28
N ILE C 67 -18.34 -4.74 -6.95
CA ILE C 67 -19.27 -4.00 -6.11
C ILE C 67 -18.55 -2.80 -5.52
N ARG C 68 -18.94 -1.60 -5.95
CA ARG C 68 -18.39 -0.39 -5.37
C ARG C 68 -18.81 -0.28 -3.92
N PRO C 69 -17.92 0.19 -3.04
CA PRO C 69 -18.26 0.31 -1.61
C PRO C 69 -19.12 1.54 -1.31
N MET C 70 -20.34 1.57 -1.82
CA MET C 70 -21.22 2.73 -1.66
C MET C 70 -22.70 2.38 -1.80
N TRP C 71 -23.57 3.23 -1.26
CA TRP C 71 -25.00 3.00 -1.27
C TRP C 71 -25.54 2.88 -2.69
N GLU C 72 -24.94 3.65 -3.59
CA GLU C 72 -25.46 3.81 -4.95
C GLU C 72 -25.31 2.55 -5.81
N ASP C 73 -24.37 1.69 -5.44
CA ASP C 73 -24.08 0.49 -6.22
C ASP C 73 -25.31 -0.43 -6.33
N ALA C 74 -25.46 -1.06 -7.49
CA ALA C 74 -26.62 -1.90 -7.78
C ALA C 74 -26.74 -3.05 -6.78
N ALA C 75 -25.59 -3.60 -6.38
CA ALA C 75 -25.57 -4.70 -5.43
C ALA C 75 -26.00 -4.25 -4.04
N ASN C 76 -25.96 -2.94 -3.80
CA ASN C 76 -26.25 -2.37 -2.48
C ASN C 76 -27.57 -1.58 -2.43
N LYS C 77 -28.20 -1.41 -3.59
CA LYS C 77 -29.38 -0.57 -3.70
C LYS C 77 -30.50 -0.97 -2.74
N GLN C 78 -30.62 -2.28 -2.51
CA GLN C 78 -31.69 -2.82 -1.67
C GLN C 78 -31.16 -3.25 -0.30
N GLY C 79 -29.88 -2.99 -0.06
CA GLY C 79 -29.19 -3.55 1.09
C GLY C 79 -29.19 -2.70 2.34
N GLY C 80 -28.45 -3.16 3.34
CA GLY C 80 -28.27 -2.44 4.59
C GLY C 80 -26.90 -2.77 5.17
N ARG C 81 -26.70 -2.44 6.44
CA ARG C 81 -25.42 -2.72 7.09
C ARG C 81 -25.59 -3.00 8.59
N TRP C 82 -24.94 -4.05 9.06
CA TRP C 82 -24.77 -4.27 10.49
C TRP C 82 -23.65 -3.37 10.98
N VAL C 83 -23.98 -2.36 11.78
CA VAL C 83 -23.00 -1.39 12.24
C VAL C 83 -22.53 -1.67 13.67
N ILE C 84 -21.20 -1.75 13.84
CA ILE C 84 -20.59 -1.97 15.15
C ILE C 84 -19.81 -0.73 15.58
N THR C 85 -20.37 0.06 16.48
CA THR C 85 -19.66 1.18 17.07
C THR C 85 -18.78 0.66 18.19
N LEU C 86 -17.47 0.84 18.07
CA LEU C 86 -16.50 0.21 18.96
C LEU C 86 -16.04 1.11 20.10
N ASN C 87 -16.10 0.59 21.31
CA ASN C 87 -15.53 1.26 22.48
C ASN C 87 -14.01 1.32 22.35
N LYS C 88 -13.41 2.35 22.92
CA LYS C 88 -11.96 2.53 22.80
C LYS C 88 -11.20 1.33 23.37
N SER C 89 -10.65 0.52 22.47
CA SER C 89 -9.85 -0.63 22.86
C SER C 89 -8.39 -0.40 22.51
N SER C 90 -7.54 -1.36 22.86
CA SER C 90 -6.15 -1.33 22.43
C SER C 90 -6.12 -1.44 20.91
N LYS C 91 -5.03 -0.97 20.31
CA LYS C 91 -4.87 -1.05 18.86
C LYS C 91 -4.91 -2.51 18.41
N THR C 92 -4.43 -3.39 19.27
CA THR C 92 -4.42 -4.83 18.99
C THR C 92 -5.83 -5.39 18.87
N ASP C 93 -6.74 -4.93 19.73
CA ASP C 93 -8.13 -5.39 19.71
C ASP C 93 -8.86 -4.91 18.46
N LEU C 94 -8.60 -3.66 18.08
CA LEU C 94 -9.20 -3.08 16.87
C LEU C 94 -8.78 -3.88 15.64
N ASP C 95 -7.46 -4.07 15.50
CA ASP C 95 -6.91 -4.74 14.33
C ASP C 95 -7.33 -6.20 14.26
N ASN C 96 -7.46 -6.85 15.41
CA ASN C 96 -7.88 -8.25 15.47
C ASN C 96 -9.33 -8.40 15.06
N LEU C 97 -10.16 -7.47 15.51
CA LEU C 97 -11.58 -7.47 15.16
C LEU C 97 -11.75 -7.37 13.65
N TRP C 98 -11.05 -6.41 13.04
CA TRP C 98 -11.15 -6.19 11.61
C TRP C 98 -10.66 -7.39 10.82
N LEU C 99 -9.56 -7.98 11.27
CA LEU C 99 -9.01 -9.15 10.60
C LEU C 99 -9.98 -10.33 10.70
N ASP C 100 -10.59 -10.48 11.88
CA ASP C 100 -11.58 -11.52 12.09
C ASP C 100 -12.73 -11.37 11.08
N VAL C 101 -13.19 -10.13 10.91
CA VAL C 101 -14.25 -9.84 9.96
C VAL C 101 -13.82 -10.18 8.54
N LEU C 102 -12.61 -9.74 8.18
CA LEU C 102 -12.06 -10.03 6.86
C LEU C 102 -12.03 -11.52 6.60
N LEU C 103 -11.71 -12.30 7.64
CA LEU C 103 -11.61 -13.75 7.52
C LEU C 103 -12.98 -14.40 7.43
N CYS C 104 -13.95 -13.88 8.18
CA CYS C 104 -15.33 -14.35 8.08
C CYS C 104 -15.86 -14.16 6.66
N LEU C 105 -15.46 -13.08 6.02
CA LEU C 105 -15.91 -12.77 4.67
C LEU C 105 -15.29 -13.68 3.63
N ILE C 106 -13.97 -13.69 3.56
CA ILE C 106 -13.27 -14.46 2.52
C ILE C 106 -13.42 -15.96 2.75
N GLY C 107 -13.73 -16.35 3.98
CA GLY C 107 -13.94 -17.74 4.32
C GLY C 107 -15.39 -18.18 4.22
N GLU C 108 -16.27 -17.23 3.90
CA GLU C 108 -17.70 -17.52 3.73
C GLU C 108 -18.29 -18.10 5.01
N ALA C 109 -18.01 -17.44 6.13
CA ALA C 109 -18.35 -17.97 7.45
C ALA C 109 -19.85 -17.97 7.74
N PHE C 110 -20.61 -17.21 6.95
CA PHE C 110 -22.05 -17.08 7.18
C PHE C 110 -22.83 -18.11 6.40
N ASP C 111 -23.95 -18.55 6.95
CA ASP C 111 -24.87 -19.43 6.24
C ASP C 111 -25.34 -18.73 4.97
N HIS C 112 -25.74 -17.48 5.12
CA HIS C 112 -26.22 -16.67 4.00
C HIS C 112 -25.06 -15.89 3.38
N SER C 113 -24.08 -16.63 2.86
CA SER C 113 -22.92 -16.02 2.23
C SER C 113 -23.30 -15.13 1.06
N ASP C 114 -24.25 -15.62 0.25
CA ASP C 114 -24.68 -14.91 -0.95
C ASP C 114 -25.21 -13.51 -0.64
N GLN C 115 -25.62 -13.29 0.60
CA GLN C 115 -26.18 -11.99 1.01
C GLN C 115 -25.11 -10.98 1.38
N ILE C 116 -23.87 -11.43 1.51
CA ILE C 116 -22.77 -10.54 1.89
C ILE C 116 -22.26 -9.76 0.68
N CYS C 117 -22.14 -8.44 0.84
CA CYS C 117 -21.58 -7.58 -0.19
C CYS C 117 -20.15 -7.23 0.15
N GLY C 118 -19.93 -6.80 1.40
CA GLY C 118 -18.60 -6.43 1.86
C GLY C 118 -18.61 -5.93 3.29
N ALA C 119 -17.48 -5.36 3.71
CA ALA C 119 -17.35 -4.81 5.05
C ALA C 119 -16.52 -3.54 5.02
N VAL C 120 -16.83 -2.62 5.93
CA VAL C 120 -16.15 -1.33 6.02
C VAL C 120 -15.74 -1.01 7.45
N ILE C 121 -14.54 -0.48 7.62
CA ILE C 121 -14.07 0.00 8.90
C ILE C 121 -13.76 1.49 8.83
N ASN C 122 -14.32 2.26 9.76
CA ASN C 122 -14.12 3.70 9.80
C ASN C 122 -13.21 4.11 10.95
N ILE C 123 -12.14 4.83 10.62
CA ILE C 123 -11.28 5.43 11.64
C ILE C 123 -11.64 6.90 11.77
N ARG C 124 -12.23 7.25 12.91
CA ARG C 124 -12.69 8.63 13.15
C ARG C 124 -12.20 9.13 14.52
N GLY C 125 -12.45 10.41 14.78
CA GLY C 125 -11.91 11.07 15.95
C GLY C 125 -12.40 10.54 17.28
N LYS C 126 -13.71 10.53 17.48
CA LYS C 126 -14.28 10.20 18.77
C LYS C 126 -14.51 8.69 18.94
N SER C 127 -14.70 7.99 17.83
CA SER C 127 -14.98 6.56 17.86
C SER C 127 -14.65 5.89 16.53
N ASN C 128 -14.67 4.56 16.51
CA ASN C 128 -14.47 3.79 15.29
C ASN C 128 -15.67 2.91 15.02
N LYS C 129 -15.85 2.53 13.75
CA LYS C 129 -16.99 1.72 13.34
C LYS C 129 -16.58 0.61 12.37
N ILE C 130 -17.09 -0.61 12.62
CA ILE C 130 -16.96 -1.71 11.68
C ILE C 130 -18.36 -2.09 11.21
N SER C 131 -18.54 -2.16 9.89
CA SER C 131 -19.84 -2.50 9.32
C SER C 131 -19.74 -3.65 8.34
N ILE C 132 -20.78 -4.48 8.31
CA ILE C 132 -20.90 -5.56 7.34
C ILE C 132 -22.15 -5.30 6.49
N TRP C 133 -21.94 -5.12 5.19
CA TRP C 133 -23.03 -4.76 4.29
C TRP C 133 -23.74 -5.98 3.73
N THR C 134 -25.07 -5.94 3.76
CA THR C 134 -25.92 -7.03 3.29
C THR C 134 -26.65 -6.62 2.00
N ALA C 135 -27.05 -7.59 1.20
CA ALA C 135 -27.61 -7.33 -0.13
C ALA C 135 -29.11 -7.01 -0.10
N ASP C 136 -29.83 -7.64 0.82
CA ASP C 136 -31.28 -7.43 0.95
C ASP C 136 -31.62 -7.04 2.38
N GLY C 137 -32.11 -5.81 2.54
CA GLY C 137 -32.44 -5.27 3.84
C GLY C 137 -33.75 -5.82 4.40
N ASN C 138 -34.58 -6.38 3.53
CA ASN C 138 -35.86 -6.93 3.94
C ASN C 138 -35.80 -8.44 4.20
N ASN C 139 -34.69 -9.05 3.82
CA ASN C 139 -34.45 -10.45 4.14
C ASN C 139 -34.09 -10.58 5.62
N GLU C 140 -35.10 -10.71 6.47
CA GLU C 140 -34.90 -10.67 7.91
C GLU C 140 -34.16 -11.89 8.43
N GLU C 141 -34.38 -13.05 7.82
CA GLU C 141 -33.75 -14.28 8.28
C GLU C 141 -32.25 -14.25 8.03
N ALA C 142 -31.86 -13.78 6.84
CA ALA C 142 -30.44 -13.68 6.49
C ALA C 142 -29.75 -12.63 7.34
N ALA C 143 -30.40 -11.48 7.49
CA ALA C 143 -29.85 -10.38 8.28
C ALA C 143 -29.53 -10.83 9.70
N LEU C 144 -30.50 -11.44 10.36
CA LEU C 144 -30.34 -11.90 11.74
C LEU C 144 -29.28 -13.01 11.85
N GLU C 145 -29.23 -13.89 10.86
CA GLU C 145 -28.23 -14.96 10.85
C GLU C 145 -26.84 -14.35 10.79
N ILE C 146 -26.64 -13.44 9.84
CA ILE C 146 -25.37 -12.74 9.70
C ILE C 146 -25.04 -11.96 10.97
N GLY C 147 -26.07 -11.43 11.61
CA GLY C 147 -25.91 -10.68 12.85
C GLY C 147 -25.47 -11.56 14.01
N HIS C 148 -26.04 -12.75 14.10
CA HIS C 148 -25.70 -13.69 15.16
C HIS C 148 -24.28 -14.21 14.99
N LYS C 149 -23.94 -14.63 13.77
CA LYS C 149 -22.59 -15.10 13.48
C LYS C 149 -21.58 -13.99 13.72
N LEU C 150 -22.00 -12.75 13.48
CA LEU C 150 -21.16 -11.59 13.74
C LEU C 150 -21.03 -11.37 15.25
N ARG C 151 -22.12 -11.57 15.97
CA ARG C 151 -22.15 -11.45 17.43
C ARG C 151 -21.22 -12.47 18.07
N ASP C 152 -21.28 -13.70 17.59
CA ASP C 152 -20.53 -14.80 18.17
C ASP C 152 -19.05 -14.77 17.77
N ALA C 153 -18.78 -14.58 16.49
CA ALA C 153 -17.42 -14.63 15.96
C ALA C 153 -16.52 -13.55 16.56
N LEU C 154 -17.06 -12.36 16.74
CA LEU C 154 -16.29 -11.20 17.20
C LEU C 154 -16.25 -11.08 18.71
N ARG C 155 -16.93 -11.98 19.41
CA ARG C 155 -17.02 -11.95 20.87
C ARG C 155 -17.59 -10.62 21.37
N LEU C 156 -18.72 -10.23 20.80
CA LEU C 156 -19.40 -8.99 21.18
C LEU C 156 -20.21 -9.17 22.47
N GLY C 157 -20.68 -10.39 22.70
CA GLY C 157 -21.50 -10.69 23.88
C GLY C 157 -22.97 -10.62 23.55
N ARG C 158 -23.81 -10.97 24.52
CA ARG C 158 -25.25 -10.96 24.33
C ARG C 158 -25.80 -9.53 24.30
N ASN C 159 -25.29 -8.67 25.18
CA ASN C 159 -25.59 -7.24 25.10
C ASN C 159 -24.71 -6.62 24.02
N ASN C 160 -25.34 -5.91 23.09
CA ASN C 160 -24.65 -5.42 21.90
C ASN C 160 -24.97 -3.97 21.53
N SER C 161 -23.98 -3.30 20.95
CA SER C 161 -24.19 -2.03 20.28
C SER C 161 -24.42 -2.26 18.79
N LEU C 162 -24.61 -3.53 18.41
CA LEU C 162 -24.83 -3.89 17.03
C LEU C 162 -26.21 -3.44 16.57
N GLN C 163 -26.26 -2.76 15.43
CA GLN C 163 -27.50 -2.24 14.89
C GLN C 163 -27.52 -2.41 13.38
N TYR C 164 -28.68 -2.81 12.86
CA TYR C 164 -28.86 -2.93 11.42
C TYR C 164 -29.53 -1.68 10.87
N GLN C 165 -28.95 -1.11 9.81
CA GLN C 165 -29.47 0.09 9.18
C GLN C 165 -29.65 -0.11 7.68
N LEU C 166 -30.82 0.23 7.17
CA LEU C 166 -31.04 0.26 5.73
C LEU C 166 -30.27 1.43 5.16
N HIS C 167 -29.57 1.20 4.04
CA HIS C 167 -28.83 2.26 3.37
C HIS C 167 -29.75 3.43 3.08
N LYS C 168 -31.03 3.12 2.85
CA LYS C 168 -32.05 4.13 2.54
C LYS C 168 -32.08 5.23 3.60
N ASP C 169 -31.92 4.83 4.86
CA ASP C 169 -32.05 5.76 5.98
C ASP C 169 -30.73 6.48 6.29
N THR C 170 -29.62 5.86 5.95
CA THR C 170 -28.31 6.44 6.22
C THR C 170 -28.00 7.59 5.28
N MET C 171 -28.60 7.57 4.09
CA MET C 171 -28.45 8.65 3.12
C MET C 171 -28.85 9.99 3.74
N VAL C 172 -30.00 9.98 4.41
CA VAL C 172 -30.52 11.19 5.04
C VAL C 172 -29.57 11.70 6.11
PG MGT D . 23.43 -12.27 1.79
O1G MGT D . 22.75 -12.93 2.99
O2G MGT D . 24.04 -13.12 0.71
O3G MGT D . 24.14 -11.01 2.20
O3B MGT D . 21.96 -11.54 1.17
PB MGT D . 20.97 -11.17 2.31
O1B MGT D . 20.09 -12.21 2.95
O2B MGT D . 21.25 -9.92 3.09
O3A MGT D . 19.54 -10.38 1.47
PA MGT D . 19.51 -10.89 0.01
O1A MGT D . 20.78 -10.71 -0.80
O2A MGT D . 18.17 -10.95 -0.66
O5' MGT D . 19.69 -12.73 0.08
C5' MGT D . 20.40 -13.06 -1.04
C4' MGT D . 19.89 -14.44 -1.45
O4' MGT D . 18.60 -14.26 -2.09
C3' MGT D . 20.88 -15.00 -2.49
O3' MGT D . 21.61 -16.00 -1.84
C2' MGT D . 19.98 -15.57 -3.58
O2' MGT D . 19.73 -16.93 -3.39
C1' MGT D . 18.62 -14.82 -3.38
N9 MGT D . 18.51 -13.73 -4.38
C8 MGT D . 18.67 -12.30 -4.05
N7 MGT D . 18.47 -11.61 -5.29
CM7 MGT D . 18.54 -10.18 -5.44
C5 MGT D . 18.26 -12.58 -6.31
C6 MGT D . 18.03 -12.38 -7.68
O6 MGT D . 17.98 -11.35 -8.36
N1 MGT D . 17.85 -13.61 -8.38
C2 MGT D . 17.89 -14.85 -7.74
N2 MGT D . 17.69 -15.97 -8.51
N3 MGT D . 18.09 -15.05 -6.41
C4 MGT D . 18.29 -13.86 -5.72
H5'1 MGT D . 20.18 -12.36 -1.90
H5'2 MGT D . 21.51 -12.97 -0.88
H4' MGT D . 19.76 -15.04 -0.52
H3' MGT D . 21.53 -14.18 -2.88
HO3' MGT D . 22.41 -16.09 -2.35
H2' MGT D . 20.42 -15.39 -4.58
HO2' MGT D . 19.60 -17.28 -4.27
H1' MGT D . 17.72 -15.49 -3.49
H81 MGT D . 18.02 -11.97 -3.20
H82 MGT D . 19.72 -12.11 -3.70
HM71 MGT D . 17.75 -9.67 -4.88
HM72 MGT D . 18.37 -9.95 -6.51
HM73 MGT D . 19.50 -9.70 -5.15
HN1 MGT D . 17.68 -13.54 -9.39
HN21 MGT D . 17.71 -16.87 -8.09
HN22 MGT D . 17.53 -15.88 -9.50
PG MGT E . -21.41 9.94 10.41
O1G MGT E . -22.48 10.68 9.62
O2G MGT E . -20.92 10.50 11.72
O3G MGT E . -21.59 8.44 10.28
O3B MGT E . -20.16 10.16 9.20
PB MGT E . -18.89 9.34 9.56
O1B MGT E . -18.97 7.91 9.99
O2B MGT E . -17.68 10.13 9.96
O3A MGT E . -18.08 8.93 7.97
PA MGT E . -19.08 8.07 7.13
O1A MGT E . -18.46 7.03 6.23
O2A MGT E . -20.48 7.92 7.63
O5' MGT E . -19.51 9.09 5.68
C5' MGT E . -19.99 10.29 6.17
C4' MGT E . -20.28 11.06 4.90
O4' MGT E . -19.60 10.42 3.81
C3' MGT E . -21.77 10.97 4.60
O3' MGT E . -22.41 12.03 5.23
C2' MGT E . -21.79 11.13 3.09
O2' MGT E . -21.67 12.45 2.69
C1' MGT E . -20.47 10.39 2.69
N9 MGT E . -20.77 9.00 2.34
C8 MGT E . -20.51 7.84 3.25
N7 MGT E . -20.96 6.69 2.49
CM7 MGT E . -20.92 5.33 2.97
C5 MGT E . -21.45 7.12 1.23
C6 MGT E . -21.98 6.36 0.17
O6 MGT E . -22.16 5.14 0.05
N1 MGT E . -22.36 7.17 -0.94
C2 MGT E . -22.20 8.56 -0.93
N2 MGT E . -22.60 9.24 -2.06
N3 MGT E . -21.69 9.30 0.09
C4 MGT E . -21.31 8.52 1.17
H5'1 MGT E . -19.21 10.84 6.75
H5'2 MGT E . -20.85 10.14 6.88
H4' MGT E . -19.87 12.10 5.03
H3' MGT E . -22.18 9.96 4.92
H2' MGT E . -22.69 10.65 2.65
HO2' MGT E . -21.71 12.43 1.73
H1' MGT E . -19.95 10.86 1.81
H81 MGT E . -19.46 7.80 3.63
H82 MGT E . -21.15 7.95 4.16
HM71 MGT E . -21.29 4.61 2.21
HM72 MGT E . -19.86 5.07 3.14
HM73 MGT E . -21.46 5.11 3.90
HN1 MGT E . -22.74 6.69 -1.73
HN21 MGT E . -22.98 8.73 -2.83
HN22 MGT E . -22.51 10.24 -2.12
#